data_1WYK
#
_entry.id   1WYK
#
_cell.length_a   35.980
_cell.length_b   59.540
_cell.length_c   71.050
_cell.angle_alpha   109.40
_cell.angle_beta   101.50
_cell.angle_gamma   90.14
#
_symmetry.space_group_name_H-M   'P 1'
#
loop_
_entity.id
_entity.type
_entity.pdbx_description
1 polymer 'SINDBIS VIRUS CAPSID PROTEIN'
2 non-polymer 'FORMYL GROUP'
3 non-polymer '1,4-DIETHYLENE DIOXIDE'
4 water water
#
_entity_poly.entity_id   1
_entity_poly.type   'polypeptide(L)'
_entity_poly.pdbx_seq_one_letter_code
;MRLFDVKNEDGDVIGHALAMEGKVMKPLHVKGTIDHPVLSKLKFTKSSAYDMEFAQLPVNMRSEAFTYTSEHPEGFYNWH
HGAVQYSGGRFTIPRGVGGRGDSGRPIMDNSGRVVAIVLGGADEGTRTALSVVTWNSKGKTIKTTPEGTEEW
;
_entity_poly.pdbx_strand_id   A,B,C,D
#
loop_
_chem_comp.id
_chem_comp.type
_chem_comp.name
_chem_comp.formula
DIO non-polymer '1,4-DIETHYLENE DIOXIDE' 'C4 H8 O2'
FOR non-polymer 'FORMYL GROUP' 'C H2 O'
#
# COMPACT_ATOMS: atom_id res chain seq x y z
N MET A 1 19.74 -10.26 5.89
CA MET A 1 19.00 -11.52 5.87
C MET A 1 19.50 -12.36 4.70
N ARG A 2 19.74 -13.64 4.93
CA ARG A 2 20.22 -14.51 3.86
C ARG A 2 19.43 -15.80 3.74
N LEU A 3 18.46 -15.98 4.65
CA LEU A 3 17.57 -17.14 4.63
C LEU A 3 16.16 -16.56 4.62
N PHE A 4 15.31 -17.06 3.73
CA PHE A 4 13.95 -16.57 3.56
C PHE A 4 12.96 -17.74 3.52
N ASP A 5 11.79 -17.55 4.10
CA ASP A 5 10.73 -18.59 4.09
C ASP A 5 10.09 -18.66 2.71
N VAL A 6 9.60 -19.85 2.35
CA VAL A 6 8.86 -20.03 1.10
C VAL A 6 7.50 -20.45 1.68
N LYS A 7 6.44 -19.76 1.31
CA LYS A 7 5.12 -20.05 1.86
C LYS A 7 4.05 -20.41 0.85
N ASN A 8 3.02 -21.13 1.31
CA ASN A 8 1.90 -21.44 0.47
C ASN A 8 0.86 -20.34 0.69
N GLU A 9 -0.37 -20.53 0.20
CA GLU A 9 -1.41 -19.51 0.33
C GLU A 9 -1.86 -19.17 1.74
N ASP A 10 -1.83 -20.15 2.63
CA ASP A 10 -2.25 -19.92 4.00
C ASP A 10 -1.13 -19.44 4.89
N GLY A 11 -0.04 -18.98 4.27
CA GLY A 11 1.11 -18.47 5.01
C GLY A 11 1.92 -19.52 5.75
N ASP A 12 1.74 -20.79 5.37
CA ASP A 12 2.49 -21.86 6.01
C ASP A 12 3.84 -21.98 5.31
N VAL A 13 4.89 -22.05 6.10
CA VAL A 13 6.26 -22.20 5.60
C VAL A 13 6.39 -23.63 5.05
N ILE A 14 6.70 -23.75 3.77
CA ILE A 14 6.82 -25.06 3.15
C ILE A 14 8.26 -25.36 2.69
N GLY A 15 9.14 -24.39 2.86
CA GLY A 15 10.52 -24.59 2.45
C GLY A 15 11.28 -23.31 2.70
N HIS A 16 12.50 -23.23 2.18
CA HIS A 16 13.34 -22.04 2.37
C HIS A 16 14.14 -21.72 1.14
N ALA A 17 14.48 -20.45 1.00
CA ALA A 17 15.29 -19.98 -0.10
C ALA A 17 16.52 -19.34 0.60
N LEU A 18 17.68 -19.37 -0.05
CA LEU A 18 18.84 -18.74 0.58
C LEU A 18 19.63 -17.90 -0.39
N ALA A 19 20.29 -16.88 0.16
CA ALA A 19 21.13 -15.97 -0.59
C ALA A 19 22.55 -16.52 -0.49
N MET A 20 23.15 -16.91 -1.60
CA MET A 20 24.51 -17.47 -1.56
C MET A 20 25.25 -17.28 -2.88
N GLU A 21 26.46 -16.73 -2.76
CA GLU A 21 27.33 -16.48 -3.91
C GLU A 21 26.63 -15.73 -5.07
N GLY A 22 26.04 -14.58 -4.76
CA GLY A 22 25.38 -13.76 -5.75
C GLY A 22 24.09 -14.30 -6.36
N LYS A 23 23.50 -15.31 -5.71
CA LYS A 23 22.29 -15.90 -6.21
C LYS A 23 21.32 -16.21 -5.08
N VAL A 24 20.04 -16.27 -5.41
CA VAL A 24 19.03 -16.68 -4.45
C VAL A 24 18.74 -18.11 -4.97
N MET A 25 18.72 -19.09 -4.07
CA MET A 25 18.50 -20.48 -4.46
C MET A 25 17.44 -21.16 -3.60
N LYS A 26 16.60 -22.02 -4.22
CA LYS A 26 15.59 -22.79 -3.52
C LYS A 26 15.30 -24.11 -4.21
N PRO A 27 14.89 -25.13 -3.43
CA PRO A 27 14.59 -26.44 -4.01
C PRO A 27 13.46 -26.25 -5.04
N LEU A 28 13.62 -26.84 -6.22
CA LEU A 28 12.63 -26.69 -7.27
C LEU A 28 11.29 -27.29 -6.84
N HIS A 29 11.34 -28.41 -6.11
CA HIS A 29 10.12 -29.10 -5.68
C HIS A 29 9.21 -28.33 -4.75
N VAL A 30 9.73 -27.26 -4.15
CA VAL A 30 8.98 -26.44 -3.22
C VAL A 30 8.23 -25.38 -4.05
N LYS A 31 6.93 -25.60 -4.27
CA LYS A 31 6.09 -24.70 -5.07
C LYS A 31 5.38 -23.75 -4.14
N GLY A 32 5.98 -22.60 -3.94
CA GLY A 32 5.40 -21.59 -3.07
C GLY A 32 6.04 -20.28 -3.43
N THR A 33 5.73 -19.25 -2.65
CA THR A 33 6.25 -17.91 -2.88
C THR A 33 7.27 -17.54 -1.81
N ILE A 34 8.42 -17.04 -2.23
CA ILE A 34 9.45 -16.61 -1.30
C ILE A 34 8.88 -15.37 -0.58
N ASP A 35 8.94 -15.38 0.74
CA ASP A 35 8.44 -14.28 1.56
C ASP A 35 9.36 -13.05 1.51
N HIS A 36 9.49 -12.43 0.34
CA HIS A 36 10.32 -11.24 0.17
C HIS A 36 9.79 -10.58 -1.09
N PRO A 37 9.52 -9.27 -1.04
CA PRO A 37 8.99 -8.52 -2.18
C PRO A 37 9.85 -8.51 -3.44
N VAL A 38 11.18 -8.56 -3.28
CA VAL A 38 12.01 -8.57 -4.47
C VAL A 38 12.30 -9.97 -4.97
N LEU A 39 12.73 -10.84 -4.06
CA LEU A 39 13.08 -12.21 -4.44
C LEU A 39 11.93 -12.98 -5.10
N SER A 40 10.70 -12.74 -4.66
CA SER A 40 9.54 -13.42 -5.24
C SER A 40 9.22 -12.94 -6.64
N LYS A 41 9.84 -11.83 -7.06
CA LYS A 41 9.56 -11.26 -8.39
C LYS A 41 10.65 -11.50 -9.44
N LEU A 42 11.77 -12.10 -9.03
CA LEU A 42 12.89 -12.35 -9.93
C LEU A 42 12.64 -13.52 -10.88
N LYS A 43 13.40 -13.57 -11.98
CA LYS A 43 13.27 -14.65 -12.94
C LYS A 43 14.22 -15.79 -12.52
N PHE A 44 13.68 -16.96 -12.27
CA PHE A 44 14.46 -18.12 -11.84
C PHE A 44 14.77 -19.08 -12.95
N THR A 45 15.97 -19.62 -12.93
CA THR A 45 16.40 -20.61 -13.90
C THR A 45 16.27 -21.93 -13.14
N LYS A 46 15.56 -22.88 -13.73
CA LYS A 46 15.33 -24.17 -13.13
C LYS A 46 16.38 -25.18 -13.53
N SER A 47 16.64 -26.13 -12.64
CA SER A 47 17.58 -27.20 -12.89
C SER A 47 17.03 -28.43 -12.21
N SER A 48 16.06 -29.06 -12.88
CA SER A 48 15.42 -30.24 -12.32
C SER A 48 16.36 -31.42 -12.03
N ALA A 49 17.50 -31.46 -12.71
CA ALA A 49 18.46 -32.53 -12.48
C ALA A 49 19.00 -32.47 -11.06
N TYR A 50 19.01 -31.28 -10.47
CA TYR A 50 19.53 -31.14 -9.11
C TYR A 50 18.48 -30.60 -8.14
N ASP A 51 17.23 -30.67 -8.60
CA ASP A 51 16.07 -30.22 -7.84
C ASP A 51 16.22 -28.80 -7.34
N MET A 52 16.70 -27.94 -8.21
CA MET A 52 16.83 -26.57 -7.80
C MET A 52 16.70 -25.51 -8.84
N GLU A 53 16.40 -24.30 -8.36
CA GLU A 53 16.22 -23.14 -9.21
C GLU A 53 16.91 -21.96 -8.54
N PHE A 54 17.37 -21.01 -9.35
CA PHE A 54 18.08 -19.86 -8.84
C PHE A 54 17.83 -18.62 -9.68
N ALA A 55 18.14 -17.46 -9.11
CA ALA A 55 18.01 -16.16 -9.77
C ALA A 55 19.20 -15.33 -9.29
N GLN A 56 19.56 -14.26 -9.99
CA GLN A 56 20.67 -13.45 -9.52
C GLN A 56 20.21 -12.48 -8.42
N LEU A 57 20.96 -12.42 -7.33
CA LEU A 57 20.65 -11.52 -6.22
C LEU A 57 20.88 -10.09 -6.66
N PRO A 58 20.12 -9.12 -6.11
CA PRO A 58 20.39 -7.74 -6.53
C PRO A 58 21.73 -7.42 -5.85
N VAL A 59 22.60 -6.70 -6.55
CA VAL A 59 23.92 -6.35 -6.06
C VAL A 59 24.05 -5.95 -4.59
N ASN A 60 22.98 -5.38 -4.04
CA ASN A 60 23.01 -4.95 -2.66
C ASN A 60 22.87 -6.04 -1.62
N MET A 61 22.30 -7.18 -2.02
CA MET A 61 22.15 -8.28 -1.09
C MET A 61 23.39 -9.19 -1.11
N ARG A 62 24.29 -8.92 -2.06
CA ARG A 62 25.51 -9.72 -2.21
C ARG A 62 26.41 -9.75 -0.97
N SER A 63 26.50 -8.64 -0.26
CA SER A 63 27.31 -8.55 0.96
C SER A 63 26.76 -9.40 2.11
N GLU A 64 25.43 -9.54 2.11
CA GLU A 64 24.67 -10.29 3.12
C GLU A 64 24.63 -11.80 2.88
N ALA A 65 24.97 -12.20 1.66
CA ALA A 65 24.98 -13.59 1.20
C ALA A 65 25.98 -14.58 1.82
N PHE A 66 25.54 -15.84 1.94
CA PHE A 66 26.36 -16.95 2.44
C PHE A 66 27.49 -17.23 1.43
N THR A 67 28.55 -17.83 1.93
CA THR A 67 29.68 -18.24 1.10
C THR A 67 29.60 -19.74 1.06
N TYR A 68 29.91 -20.34 -0.09
CA TYR A 68 29.91 -21.79 -0.22
C TYR A 68 31.32 -22.39 -0.24
N THR A 69 31.45 -23.65 0.20
CA THR A 69 32.72 -24.34 0.16
C THR A 69 32.53 -25.79 -0.16
N SER A 70 33.41 -26.32 -1.00
CA SER A 70 33.38 -27.73 -1.38
C SER A 70 34.10 -28.56 -0.32
N GLU A 71 34.77 -27.88 0.61
CA GLU A 71 35.51 -28.56 1.68
C GLU A 71 34.55 -29.15 2.72
N HIS A 72 34.29 -30.44 2.65
CA HIS A 72 33.41 -31.03 3.65
C HIS A 72 33.99 -32.33 4.18
N PRO A 73 35.07 -32.21 4.98
CA PRO A 73 35.71 -33.39 5.54
C PRO A 73 34.77 -34.05 6.54
N GLU A 74 34.98 -35.34 6.77
CA GLU A 74 34.16 -36.07 7.71
C GLU A 74 34.17 -35.43 9.09
N GLY A 75 33.01 -35.40 9.73
CA GLY A 75 32.88 -34.81 11.04
C GLY A 75 31.48 -34.32 11.30
N PHE A 76 31.35 -33.30 12.13
CA PHE A 76 30.06 -32.72 12.43
C PHE A 76 29.91 -31.30 11.92
N TYR A 77 28.69 -31.01 11.46
CA TYR A 77 28.32 -29.71 10.90
C TYR A 77 27.14 -29.11 11.63
N ASN A 78 26.73 -27.91 11.22
CA ASN A 78 25.64 -27.17 11.83
C ASN A 78 24.47 -26.94 10.91
N TRP A 79 23.28 -26.89 11.49
CA TRP A 79 22.08 -26.55 10.75
C TRP A 79 21.05 -26.15 11.79
N HIS A 80 19.94 -25.57 11.34
CA HIS A 80 18.89 -25.11 12.23
C HIS A 80 18.53 -25.99 13.39
N HIS A 81 18.43 -27.30 13.16
CA HIS A 81 18.01 -28.18 14.24
C HIS A 81 19.08 -28.77 15.16
N GLY A 82 20.35 -28.43 14.90
CA GLY A 82 21.43 -28.96 15.71
C GLY A 82 22.61 -29.45 14.88
N ALA A 83 23.12 -30.60 15.23
CA ALA A 83 24.27 -31.14 14.52
C ALA A 83 23.90 -32.01 13.34
N VAL A 84 24.76 -31.98 12.32
CA VAL A 84 24.59 -32.80 11.14
C VAL A 84 25.92 -33.56 11.00
N GLN A 85 25.87 -34.88 10.96
CA GLN A 85 27.07 -35.68 10.80
C GLN A 85 27.39 -35.93 9.34
N TYR A 86 28.66 -35.82 8.97
CA TYR A 86 29.06 -36.15 7.62
C TYR A 86 30.05 -37.31 7.78
N SER A 87 29.61 -38.49 7.34
CA SER A 87 30.41 -39.68 7.45
C SER A 87 30.08 -40.68 6.34
N GLY A 88 31.12 -41.20 5.71
CA GLY A 88 30.97 -42.18 4.66
C GLY A 88 30.12 -41.72 3.51
N GLY A 89 30.32 -40.50 3.07
CA GLY A 89 29.56 -39.95 1.96
C GLY A 89 28.10 -39.62 2.29
N ARG A 90 27.75 -39.61 3.57
CA ARG A 90 26.37 -39.34 3.98
C ARG A 90 26.21 -38.32 5.08
N PHE A 91 25.29 -37.37 4.88
CA PHE A 91 24.96 -36.38 5.91
C PHE A 91 23.78 -37.02 6.63
N THR A 92 23.86 -37.13 7.96
CA THR A 92 22.80 -37.74 8.79
C THR A 92 22.49 -36.85 10.01
N ILE A 93 21.27 -36.95 10.50
CA ILE A 93 20.78 -36.22 11.66
C ILE A 93 20.03 -37.24 12.48
N PRO A 94 19.68 -36.91 13.74
CA PRO A 94 18.94 -37.87 14.56
C PRO A 94 17.53 -38.08 14.00
N ARG A 95 16.97 -39.26 14.25
CA ARG A 95 15.61 -39.59 13.83
C ARG A 95 14.65 -38.66 14.54
N GLY A 96 13.58 -38.27 13.85
CA GLY A 96 12.56 -37.40 14.45
C GLY A 96 12.84 -35.91 14.51
N VAL A 97 13.91 -35.46 13.84
CA VAL A 97 14.29 -34.06 13.83
C VAL A 97 13.85 -33.31 12.54
N GLY A 98 14.24 -33.81 11.38
CA GLY A 98 13.88 -33.12 10.16
C GLY A 98 12.50 -33.49 9.65
N GLY A 99 11.95 -32.66 8.77
CA GLY A 99 10.63 -32.92 8.22
C GLY A 99 10.23 -31.88 7.19
N ARG A 100 9.02 -32.03 6.67
CA ARG A 100 8.50 -31.13 5.66
C ARG A 100 8.57 -29.69 6.06
N GLY A 101 9.27 -28.91 5.26
CA GLY A 101 9.47 -27.50 5.57
C GLY A 101 10.95 -27.19 5.66
N ASP A 102 11.73 -28.22 5.99
CA ASP A 102 13.19 -28.08 6.12
C ASP A 102 13.98 -28.06 4.83
N SER A 103 13.33 -28.25 3.69
CA SER A 103 14.06 -28.17 2.43
C SER A 103 14.48 -26.71 2.25
N GLY A 104 15.66 -26.50 1.67
CA GLY A 104 16.15 -25.15 1.43
C GLY A 104 17.07 -24.66 2.52
N ARG A 105 17.10 -25.37 3.64
CA ARG A 105 17.95 -25.04 4.77
C ARG A 105 19.41 -25.44 4.50
N PRO A 106 20.37 -24.57 4.89
CA PRO A 106 21.78 -24.92 4.65
C PRO A 106 22.40 -25.69 5.79
N ILE A 107 23.47 -26.41 5.47
CA ILE A 107 24.27 -27.14 6.45
C ILE A 107 25.52 -26.28 6.37
N MET A 108 26.06 -25.89 7.53
CA MET A 108 27.19 -24.98 7.59
C MET A 108 28.32 -25.50 8.45
N ASP A 109 29.55 -25.14 8.08
CA ASP A 109 30.72 -25.53 8.85
C ASP A 109 30.82 -24.51 9.99
N ASN A 110 31.86 -24.57 10.82
CA ASN A 110 31.95 -23.65 11.95
C ASN A 110 32.28 -22.22 11.56
N SER A 111 32.75 -22.02 10.33
CA SER A 111 33.04 -20.67 9.85
C SER A 111 31.79 -20.01 9.28
N GLY A 112 30.67 -20.72 9.29
CA GLY A 112 29.43 -20.17 8.76
C GLY A 112 29.25 -20.38 7.26
N ARG A 113 30.19 -21.08 6.65
CA ARG A 113 30.12 -21.34 5.22
C ARG A 113 29.20 -22.54 4.96
N VAL A 114 28.45 -22.44 3.88
CA VAL A 114 27.52 -23.48 3.49
C VAL A 114 28.23 -24.61 2.78
N VAL A 115 28.00 -25.84 3.24
CA VAL A 115 28.62 -26.99 2.57
C VAL A 115 27.58 -27.81 1.79
N ALA A 116 26.30 -27.62 2.12
CA ALA A 116 25.21 -28.35 1.47
C ALA A 116 23.84 -27.73 1.75
N ILE A 117 22.90 -28.01 0.85
CA ILE A 117 21.53 -27.54 0.97
C ILE A 117 20.66 -28.78 1.06
N VAL A 118 19.78 -28.78 2.04
CA VAL A 118 18.90 -29.89 2.30
C VAL A 118 17.69 -29.92 1.36
N LEU A 119 17.38 -31.11 0.85
CA LEU A 119 16.24 -31.30 -0.06
C LEU A 119 15.19 -32.19 0.58
N GLY A 120 15.64 -33.14 1.38
CA GLY A 120 14.73 -34.05 2.04
C GLY A 120 15.57 -35.07 2.77
N GLY A 121 14.95 -36.17 3.16
CA GLY A 121 15.69 -37.20 3.86
C GLY A 121 14.96 -38.52 3.93
N ALA A 122 15.68 -39.53 4.40
CA ALA A 122 15.15 -40.85 4.53
C ALA A 122 15.74 -41.48 5.79
N ASP A 123 14.91 -42.20 6.52
CA ASP A 123 15.37 -42.88 7.72
C ASP A 123 16.21 -44.05 7.28
N GLU A 124 17.41 -44.14 7.83
CA GLU A 124 18.36 -45.21 7.52
C GLU A 124 19.06 -45.58 8.83
N GLY A 125 18.96 -46.85 9.21
CA GLY A 125 19.54 -47.30 10.46
C GLY A 125 18.71 -46.67 11.55
N THR A 126 19.36 -46.12 12.56
CA THR A 126 18.65 -45.46 13.65
C THR A 126 18.59 -43.94 13.43
N ARG A 127 19.17 -43.45 12.35
CA ARG A 127 19.18 -42.03 12.06
C ARG A 127 18.42 -41.73 10.77
N THR A 128 18.57 -40.51 10.28
CA THR A 128 17.93 -40.06 9.06
C THR A 128 19.02 -39.54 8.13
N ALA A 129 19.11 -40.12 6.94
CA ALA A 129 20.07 -39.69 5.93
C ALA A 129 19.42 -38.57 5.08
N LEU A 130 20.19 -37.51 4.80
CA LEU A 130 19.70 -36.37 4.04
C LEU A 130 20.00 -36.34 2.55
N SER A 131 19.00 -35.96 1.78
CA SER A 131 19.17 -35.79 0.34
C SER A 131 19.68 -34.34 0.28
N VAL A 132 20.80 -34.11 -0.40
CA VAL A 132 21.37 -32.77 -0.45
C VAL A 132 21.96 -32.37 -1.80
N VAL A 133 22.20 -31.08 -1.95
CA VAL A 133 22.85 -30.54 -3.11
C VAL A 133 24.19 -29.99 -2.61
N THR A 134 25.26 -30.28 -3.35
CA THR A 134 26.61 -29.81 -3.04
C THR A 134 27.28 -29.49 -4.37
N TRP A 135 28.47 -28.91 -4.29
CA TRP A 135 29.27 -28.59 -5.46
C TRP A 135 30.66 -29.12 -5.06
N ASN A 136 31.34 -29.84 -5.96
CA ASN A 136 32.67 -30.37 -5.68
C ASN A 136 33.74 -29.34 -5.93
N SER A 137 35.01 -29.72 -5.80
CA SER A 137 36.11 -28.79 -6.02
C SER A 137 36.19 -28.25 -7.44
N LYS A 138 35.51 -28.92 -8.36
CA LYS A 138 35.49 -28.52 -9.75
C LYS A 138 34.28 -27.63 -10.04
N GLY A 139 33.52 -27.27 -9.02
CA GLY A 139 32.34 -26.44 -9.23
C GLY A 139 31.16 -27.18 -9.85
N LYS A 140 31.24 -28.51 -9.83
CA LYS A 140 30.21 -29.36 -10.38
C LYS A 140 29.13 -29.61 -9.33
N THR A 141 27.87 -29.42 -9.73
CA THR A 141 26.71 -29.61 -8.86
C THR A 141 26.47 -31.10 -8.69
N ILE A 142 26.22 -31.53 -7.46
CA ILE A 142 25.93 -32.91 -7.17
C ILE A 142 24.69 -33.02 -6.27
N LYS A 143 23.73 -33.83 -6.67
CA LYS A 143 22.56 -34.05 -5.86
C LYS A 143 22.81 -35.47 -5.33
N THR A 144 22.79 -35.63 -4.01
CA THR A 144 23.03 -36.93 -3.41
C THR A 144 21.74 -37.27 -2.70
N THR A 145 21.16 -38.42 -3.07
CA THR A 145 19.87 -38.82 -2.52
C THR A 145 19.74 -40.24 -2.01
N PRO A 146 19.45 -40.39 -0.71
CA PRO A 146 19.29 -41.73 -0.12
C PRO A 146 18.02 -42.35 -0.74
N GLU A 147 17.97 -43.67 -0.80
CA GLU A 147 16.79 -44.35 -1.36
C GLU A 147 15.55 -44.11 -0.50
N GLY A 148 14.40 -43.92 -1.16
CA GLY A 148 13.18 -43.66 -0.43
C GLY A 148 13.22 -42.32 0.30
N THR A 149 13.82 -41.32 -0.33
CA THR A 149 13.90 -40.00 0.25
C THR A 149 12.54 -39.33 0.19
N GLU A 150 12.14 -38.69 1.28
CA GLU A 150 10.90 -37.95 1.26
C GLU A 150 11.28 -36.48 1.03
N GLU A 151 10.60 -35.83 0.10
CA GLU A 151 10.87 -34.44 -0.17
C GLU A 151 10.36 -33.61 1.00
N TRP A 152 11.21 -32.70 1.48
CA TRP A 152 10.84 -31.84 2.60
C TRP A 152 10.48 -30.45 2.15
N MET B 1 1.96 15.98 6.32
CA MET B 1 0.98 16.00 7.42
C MET B 1 1.01 17.32 8.16
N ARG B 2 -0.17 17.91 8.38
CA ARG B 2 -0.29 19.20 9.07
C ARG B 2 -1.16 19.20 10.33
N LEU B 3 -1.95 18.15 10.52
CA LEU B 3 -2.82 18.01 11.68
C LEU B 3 -2.38 16.75 12.42
N PHE B 4 -2.36 16.79 13.75
CA PHE B 4 -1.89 15.65 14.54
C PHE B 4 -2.73 15.41 15.79
N ASP B 5 -2.78 14.16 16.23
CA ASP B 5 -3.52 13.82 17.45
C ASP B 5 -2.62 13.92 18.66
N VAL B 6 -3.21 14.21 19.81
CA VAL B 6 -2.48 14.29 21.06
C VAL B 6 -3.16 13.21 21.85
N LYS B 7 -2.37 12.24 22.30
CA LYS B 7 -2.85 11.11 23.04
C LYS B 7 -2.43 11.09 24.50
N ASN B 8 -3.20 10.44 25.34
CA ASN B 8 -2.85 10.31 26.74
C ASN B 8 -2.01 9.01 26.87
N GLU B 9 -1.62 8.67 28.10
CA GLU B 9 -0.76 7.50 28.32
C GLU B 9 -1.36 6.19 27.85
N ASP B 10 -2.68 6.18 27.68
CA ASP B 10 -3.45 5.00 27.24
C ASP B 10 -3.66 4.92 25.73
N GLY B 11 -3.09 5.87 24.99
CA GLY B 11 -3.24 5.85 23.55
C GLY B 11 -4.53 6.47 23.04
N ASP B 12 -5.30 7.09 23.93
CA ASP B 12 -6.53 7.74 23.55
C ASP B 12 -6.24 9.13 23.07
N VAL B 13 -7.01 9.59 22.10
CA VAL B 13 -6.86 10.93 21.57
C VAL B 13 -7.65 11.88 22.47
N ILE B 14 -6.95 12.83 23.07
CA ILE B 14 -7.54 13.79 23.98
C ILE B 14 -7.49 15.22 23.44
N GLY B 15 -6.86 15.40 22.28
CA GLY B 15 -6.76 16.72 21.71
C GLY B 15 -6.07 16.71 20.37
N HIS B 16 -5.76 17.90 19.89
CA HIS B 16 -5.12 18.06 18.61
C HIS B 16 -4.05 19.13 18.55
N ALA B 17 -3.10 18.91 17.64
CA ALA B 17 -1.97 19.81 17.41
C ALA B 17 -1.92 20.04 15.89
N LEU B 18 -1.24 21.09 15.48
CA LEU B 18 -1.14 21.43 14.07
C LEU B 18 0.16 22.11 13.74
N ALA B 19 0.54 22.00 12.46
CA ALA B 19 1.75 22.63 11.97
C ALA B 19 1.30 23.91 11.26
N MET B 20 1.78 25.05 11.74
CA MET B 20 1.40 26.32 11.14
C MET B 20 2.47 27.36 11.37
N GLU B 21 2.74 28.13 10.32
CA GLU B 21 3.71 29.22 10.36
C GLU B 21 5.03 28.85 11.04
N GLY B 22 5.65 27.76 10.59
CA GLY B 22 6.94 27.32 11.12
C GLY B 22 6.98 26.65 12.48
N LYS B 23 5.80 26.44 13.06
CA LYS B 23 5.71 25.82 14.37
C LYS B 23 4.66 24.73 14.43
N VAL B 24 4.75 23.91 15.46
CA VAL B 24 3.75 22.92 15.72
C VAL B 24 3.19 23.42 17.04
N MET B 25 1.87 23.52 17.13
CA MET B 25 1.25 23.99 18.35
C MET B 25 0.04 23.20 18.80
N LYS B 26 -0.17 23.18 20.12
CA LYS B 26 -1.28 22.49 20.75
C LYS B 26 -1.74 23.32 21.93
N PRO B 27 -2.97 23.08 22.41
CA PRO B 27 -3.49 23.84 23.56
C PRO B 27 -2.68 23.36 24.77
N LEU B 28 -2.19 24.27 25.60
CA LEU B 28 -1.41 23.89 26.76
C LEU B 28 -2.19 22.97 27.71
N HIS B 29 -3.51 23.18 27.81
CA HIS B 29 -4.30 22.38 28.74
C HIS B 29 -4.42 20.89 28.43
N VAL B 30 -4.08 20.51 27.21
CA VAL B 30 -4.16 19.11 26.80
C VAL B 30 -2.87 18.45 27.22
N LYS B 31 -2.94 17.66 28.30
CA LYS B 31 -1.74 16.99 28.82
C LYS B 31 -1.51 15.61 28.18
N GLY B 32 -0.67 15.56 27.15
CA GLY B 32 -0.43 14.31 26.49
C GLY B 32 0.74 14.41 25.54
N THR B 33 0.83 13.44 24.64
CA THR B 33 1.93 13.37 23.69
C THR B 33 1.41 13.49 22.27
N ILE B 34 2.06 14.34 21.46
CA ILE B 34 1.69 14.47 20.07
C ILE B 34 2.02 13.11 19.43
N ASP B 35 1.06 12.56 18.66
CA ASP B 35 1.24 11.26 18.01
C ASP B 35 2.02 11.43 16.71
N HIS B 36 3.33 11.59 16.87
CA HIS B 36 4.25 11.76 15.75
C HIS B 36 5.65 11.52 16.29
N PRO B 37 6.41 10.62 15.66
CA PRO B 37 7.78 10.26 16.06
C PRO B 37 8.75 11.41 16.25
N VAL B 38 8.70 12.40 15.37
CA VAL B 38 9.60 13.54 15.44
C VAL B 38 9.10 14.68 16.33
N LEU B 39 7.90 15.15 16.01
CA LEU B 39 7.27 16.25 16.71
C LEU B 39 7.18 16.08 18.22
N SER B 40 6.92 14.86 18.66
CA SER B 40 6.82 14.57 20.08
C SER B 40 8.14 14.79 20.84
N LYS B 41 9.24 14.87 20.09
CA LYS B 41 10.54 15.03 20.70
C LYS B 41 11.15 16.44 20.59
N LEU B 42 10.39 17.42 20.14
CA LEU B 42 10.92 18.76 20.01
C LEU B 42 10.92 19.46 21.37
N LYS B 43 11.52 20.65 21.41
CA LYS B 43 11.57 21.45 22.65
C LYS B 43 10.39 22.38 22.59
N PHE B 44 9.48 22.24 23.54
CA PHE B 44 8.28 23.05 23.58
C PHE B 44 8.31 24.17 24.60
N THR B 45 7.77 25.32 24.21
CA THR B 45 7.63 26.50 25.08
C THR B 45 6.13 26.58 25.39
N LYS B 46 5.79 26.93 26.62
CA LYS B 46 4.41 27.04 27.08
C LYS B 46 4.01 28.49 27.35
N SER B 47 2.81 28.86 26.90
CA SER B 47 2.26 30.20 27.15
C SER B 47 1.00 29.95 27.97
N SER B 48 1.12 30.09 29.27
CA SER B 48 0.00 29.87 30.16
C SER B 48 -1.01 30.98 29.98
N ALA B 49 -0.55 32.10 29.45
CA ALA B 49 -1.39 33.25 29.20
C ALA B 49 -2.37 33.05 28.03
N TYR B 50 -1.94 32.35 26.98
CA TYR B 50 -2.79 32.13 25.82
C TYR B 50 -3.20 30.68 25.68
N ASP B 51 -2.97 29.90 26.72
CA ASP B 51 -3.29 28.50 26.75
C ASP B 51 -2.65 27.71 25.62
N MET B 52 -1.40 28.01 25.30
CA MET B 52 -0.77 27.17 24.32
C MET B 52 0.69 26.84 24.35
N GLU B 53 0.99 25.69 23.75
CA GLU B 53 2.31 25.09 23.73
C GLU B 53 2.81 24.91 22.30
N PHE B 54 4.05 25.30 22.05
CA PHE B 54 4.60 25.26 20.71
C PHE B 54 6.08 24.93 20.64
N ALA B 55 6.49 24.36 19.51
CA ALA B 55 7.87 24.01 19.24
C ALA B 55 8.11 24.42 17.80
N GLN B 56 9.36 24.67 17.44
CA GLN B 56 9.68 25.03 16.08
C GLN B 56 9.72 23.75 15.25
N LEU B 57 9.13 23.80 14.07
CA LEU B 57 9.12 22.61 13.21
C LEU B 57 10.53 22.35 12.67
N PRO B 58 10.81 21.09 12.34
CA PRO B 58 12.11 20.70 11.79
C PRO B 58 12.13 21.20 10.35
N VAL B 59 13.31 21.34 9.79
CA VAL B 59 13.46 21.85 8.43
C VAL B 59 12.61 21.16 7.36
N ASN B 60 12.57 19.83 7.41
CA ASN B 60 11.84 19.04 6.42
C ASN B 60 10.32 19.02 6.54
N MET B 61 9.77 19.59 7.61
CA MET B 61 8.33 19.62 7.81
C MET B 61 7.72 21.01 7.69
N ARG B 62 8.54 22.02 7.46
CA ARG B 62 8.03 23.38 7.35
C ARG B 62 7.08 23.60 6.16
N SER B 63 7.31 22.87 5.08
CA SER B 63 6.49 22.99 3.88
C SER B 63 5.07 22.55 4.20
N GLU B 64 5.00 21.48 4.99
CA GLU B 64 3.77 20.86 5.42
C GLU B 64 3.17 21.63 6.60
N ALA B 65 2.93 22.92 6.41
CA ALA B 65 2.32 23.73 7.45
C ALA B 65 1.23 24.64 6.90
N PHE B 66 0.27 24.95 7.75
CA PHE B 66 -0.83 25.82 7.39
C PHE B 66 -0.35 27.25 7.41
N THR B 67 -1.06 28.10 6.67
CA THR B 67 -0.81 29.52 6.64
C THR B 67 -1.94 30.10 7.48
N TYR B 68 -1.61 31.06 8.34
CA TYR B 68 -2.59 31.69 9.16
C TYR B 68 -2.95 33.02 8.53
N THR B 69 -4.16 33.52 8.81
CA THR B 69 -4.57 34.83 8.32
C THR B 69 -5.44 35.55 9.36
N SER B 70 -5.14 36.84 9.55
CA SER B 70 -5.88 37.66 10.49
C SER B 70 -7.15 38.24 9.83
N GLU B 71 -7.33 37.95 8.55
CA GLU B 71 -8.50 38.44 7.81
C GLU B 71 -9.71 37.53 8.12
N HIS B 72 -10.65 38.02 8.94
CA HIS B 72 -11.83 37.22 9.29
C HIS B 72 -13.13 37.99 9.14
N PRO B 73 -13.63 38.21 7.90
CA PRO B 73 -14.89 38.95 7.79
C PRO B 73 -16.00 38.06 8.35
N GLU B 74 -17.14 38.65 8.65
CA GLU B 74 -18.29 37.91 9.16
C GLU B 74 -18.77 36.91 8.10
N GLY B 75 -19.28 35.77 8.54
CA GLY B 75 -19.76 34.78 7.59
C GLY B 75 -19.63 33.38 8.13
N PHE B 76 -19.39 32.44 7.24
CA PHE B 76 -19.22 31.06 7.67
C PHE B 76 -17.82 30.54 7.37
N TYR B 77 -17.30 29.72 8.30
CA TYR B 77 -15.97 29.11 8.20
C TYR B 77 -16.12 27.61 8.35
N ASN B 78 -14.98 26.91 8.29
CA ASN B 78 -14.95 25.47 8.36
C ASN B 78 -14.12 24.88 9.49
N TRP B 79 -14.53 23.71 9.95
CA TRP B 79 -13.76 22.99 10.97
C TRP B 79 -14.15 21.54 10.82
N HIS B 80 -13.45 20.65 11.52
CA HIS B 80 -13.70 19.24 11.37
C HIS B 80 -15.16 18.79 11.41
N HIS B 81 -15.98 19.49 12.17
CA HIS B 81 -17.38 19.09 12.33
C HIS B 81 -18.39 19.86 11.50
N GLY B 82 -17.93 20.70 10.60
CA GLY B 82 -18.85 21.45 9.77
C GLY B 82 -18.64 22.93 9.71
N ALA B 83 -19.74 23.64 9.72
CA ALA B 83 -19.72 25.08 9.64
C ALA B 83 -19.55 25.76 10.99
N VAL B 84 -18.84 26.91 10.98
CA VAL B 84 -18.61 27.71 12.17
C VAL B 84 -18.97 29.10 11.74
N GLN B 85 -19.96 29.69 12.38
CA GLN B 85 -20.34 31.05 12.05
C GLN B 85 -19.45 32.06 12.77
N TYR B 86 -19.11 33.15 12.09
CA TYR B 86 -18.31 34.19 12.70
C TYR B 86 -19.19 35.42 12.60
N SER B 87 -19.67 35.87 13.74
CA SER B 87 -20.57 36.99 13.80
C SER B 87 -20.46 37.66 15.15
N GLY B 88 -20.53 38.99 15.16
CA GLY B 88 -20.46 39.73 16.40
C GLY B 88 -19.17 39.47 17.14
N GLY B 89 -18.10 39.15 16.43
CA GLY B 89 -16.82 38.87 17.07
C GLY B 89 -16.74 37.51 17.73
N ARG B 90 -17.68 36.62 17.43
CA ARG B 90 -17.69 35.28 18.01
C ARG B 90 -17.88 34.17 16.99
N PHE B 91 -17.16 33.09 17.23
CA PHE B 91 -17.23 31.91 16.41
C PHE B 91 -18.20 31.01 17.16
N THR B 92 -19.26 30.56 16.47
CA THR B 92 -20.26 29.67 17.06
C THR B 92 -20.53 28.47 16.17
N ILE B 93 -21.06 27.43 16.77
CA ILE B 93 -21.40 26.17 16.08
C ILE B 93 -22.69 25.65 16.70
N PRO B 94 -23.35 24.70 16.05
CA PRO B 94 -24.60 24.16 16.64
C PRO B 94 -24.31 23.52 17.99
N ARG B 95 -25.30 23.47 18.86
CA ARG B 95 -25.12 22.82 20.15
C ARG B 95 -25.02 21.30 19.89
N GLY B 96 -24.27 20.60 20.73
CA GLY B 96 -24.14 19.17 20.59
C GLY B 96 -23.15 18.70 19.54
N VAL B 97 -22.34 19.62 19.00
CA VAL B 97 -21.37 19.27 17.96
C VAL B 97 -19.93 19.16 18.47
N GLY B 98 -19.48 20.19 19.19
CA GLY B 98 -18.14 20.19 19.73
C GLY B 98 -18.11 19.65 21.15
N GLY B 99 -16.96 19.14 21.56
CA GLY B 99 -16.81 18.61 22.89
C GLY B 99 -15.41 18.14 23.24
N ARG B 100 -15.34 17.39 24.33
CA ARG B 100 -14.10 16.81 24.84
C ARG B 100 -13.31 16.20 23.68
N GLY B 101 -12.07 16.68 23.50
CA GLY B 101 -11.22 16.17 22.45
C GLY B 101 -11.01 17.10 21.28
N ASP B 102 -11.91 18.07 21.11
CA ASP B 102 -11.82 19.00 19.99
C ASP B 102 -10.85 20.19 20.10
N SER B 103 -10.25 20.36 21.26
CA SER B 103 -9.33 21.47 21.41
C SER B 103 -8.11 21.18 20.55
N GLY B 104 -7.55 22.22 19.93
CA GLY B 104 -6.38 22.01 19.09
C GLY B 104 -6.75 22.00 17.62
N ARG B 105 -8.03 21.75 17.34
CA ARG B 105 -8.54 21.75 15.97
C ARG B 105 -8.57 23.19 15.42
N PRO B 106 -8.29 23.35 14.12
CA PRO B 106 -8.32 24.69 13.57
C PRO B 106 -9.68 25.00 12.92
N ILE B 107 -9.90 26.28 12.67
CA ILE B 107 -11.09 26.79 11.99
C ILE B 107 -10.40 27.41 10.80
N MET B 108 -10.89 27.13 9.60
CA MET B 108 -10.25 27.61 8.38
C MET B 108 -11.19 28.32 7.44
N ASP B 109 -10.63 29.14 6.56
CA ASP B 109 -11.44 29.77 5.55
C ASP B 109 -11.48 28.82 4.34
N ASN B 110 -12.14 29.22 3.26
CA ASN B 110 -12.26 28.31 2.11
C ASN B 110 -10.95 28.17 1.38
N SER B 111 -10.03 29.12 1.58
CA SER B 111 -8.71 29.04 0.97
C SER B 111 -7.82 28.06 1.71
N GLY B 112 -8.33 27.44 2.77
CA GLY B 112 -7.54 26.51 3.54
C GLY B 112 -6.64 27.18 4.59
N ARG B 113 -6.73 28.49 4.73
CA ARG B 113 -5.94 29.21 5.72
C ARG B 113 -6.63 29.17 7.07
N VAL B 114 -5.85 28.99 8.13
CA VAL B 114 -6.37 28.93 9.47
C VAL B 114 -6.70 30.34 9.96
N VAL B 115 -7.81 30.48 10.67
CA VAL B 115 -8.20 31.78 11.20
C VAL B 115 -8.27 31.75 12.72
N ALA B 116 -8.34 30.55 13.30
CA ALA B 116 -8.38 30.40 14.75
C ALA B 116 -8.15 28.97 15.14
N ILE B 117 -7.83 28.74 16.40
CA ILE B 117 -7.62 27.42 16.97
C ILE B 117 -8.62 27.31 18.14
N VAL B 118 -9.33 26.20 18.23
CA VAL B 118 -10.33 25.98 19.27
C VAL B 118 -9.74 25.51 20.60
N LEU B 119 -10.16 26.14 21.69
CA LEU B 119 -9.70 25.79 23.03
C LEU B 119 -10.80 25.13 23.83
N GLY B 120 -12.05 25.51 23.53
CA GLY B 120 -13.20 24.99 24.24
C GLY B 120 -14.46 25.70 23.79
N GLY B 121 -15.53 25.58 24.56
CA GLY B 121 -16.78 26.22 24.20
C GLY B 121 -17.69 26.50 25.38
N ALA B 122 -18.59 27.46 25.18
CA ALA B 122 -19.56 27.88 26.21
C ALA B 122 -20.94 27.49 25.70
N ASP B 123 -21.64 26.67 26.47
CA ASP B 123 -22.98 26.20 26.15
C ASP B 123 -23.96 27.37 26.28
N GLU B 124 -24.20 28.08 25.19
CA GLU B 124 -25.10 29.23 25.21
C GLU B 124 -26.47 29.01 24.60
N GLY B 125 -27.08 27.85 24.84
CA GLY B 125 -28.39 27.62 24.26
C GLY B 125 -28.30 26.79 22.98
N THR B 126 -28.96 27.25 21.91
CA THR B 126 -28.95 26.52 20.65
C THR B 126 -27.57 26.44 19.99
N ARG B 127 -26.76 27.49 20.19
CA ARG B 127 -25.42 27.55 19.64
C ARG B 127 -24.38 27.65 20.76
N THR B 128 -23.23 27.02 20.53
CA THR B 128 -22.11 27.01 21.46
C THR B 128 -21.08 28.07 20.99
N ALA B 129 -20.70 28.98 21.90
CA ALA B 129 -19.71 30.01 21.58
C ALA B 129 -18.30 29.45 21.89
N LEU B 130 -17.43 29.49 20.90
CA LEU B 130 -16.10 28.94 21.06
C LEU B 130 -15.04 29.83 21.68
N SER B 131 -14.23 29.23 22.56
CA SER B 131 -13.10 29.92 23.16
C SER B 131 -12.01 29.64 22.14
N VAL B 132 -11.36 30.68 21.61
CA VAL B 132 -10.35 30.49 20.59
C VAL B 132 -9.09 31.32 20.72
N VAL B 133 -8.08 30.91 19.99
CA VAL B 133 -6.85 31.64 19.91
C VAL B 133 -6.71 32.09 18.47
N THR B 134 -6.51 33.39 18.27
CA THR B 134 -6.33 33.99 16.95
C THR B 134 -5.14 34.96 17.08
N TRP B 135 -4.77 35.63 15.99
CA TRP B 135 -3.68 36.60 16.00
C TRP B 135 -4.10 37.77 15.13
N ASN B 136 -3.72 38.99 15.54
CA ASN B 136 -4.05 40.15 14.72
C ASN B 136 -3.01 40.31 13.62
N SER B 137 -3.17 41.34 12.78
CA SER B 137 -2.24 41.54 11.69
C SER B 137 -0.82 41.84 12.17
N LYS B 138 -0.67 42.32 13.40
CA LYS B 138 0.65 42.60 13.95
C LYS B 138 1.25 41.37 14.60
N GLY B 139 0.54 40.24 14.48
CA GLY B 139 1.02 39.01 15.08
C GLY B 139 0.73 38.86 16.56
N LYS B 140 0.03 39.83 17.15
CA LYS B 140 -0.33 39.76 18.57
C LYS B 140 -1.35 38.65 18.80
N THR B 141 -1.06 37.76 19.75
CA THR B 141 -1.94 36.65 20.10
C THR B 141 -3.12 37.15 20.92
N ILE B 142 -4.30 36.59 20.62
CA ILE B 142 -5.54 36.98 21.26
C ILE B 142 -6.31 35.73 21.65
N LYS B 143 -6.67 35.62 22.93
CA LYS B 143 -7.43 34.50 23.45
C LYS B 143 -8.81 35.04 23.86
N THR B 144 -9.82 34.64 23.10
CA THR B 144 -11.20 35.04 23.33
C THR B 144 -11.88 33.92 24.10
N THR B 145 -12.35 34.21 25.31
CA THR B 145 -13.00 33.18 26.09
C THR B 145 -14.37 33.60 26.62
N PRO B 146 -15.45 33.11 26.01
CA PRO B 146 -16.80 33.47 26.45
C PRO B 146 -17.00 33.04 27.89
N GLU B 147 -17.77 33.78 28.68
CA GLU B 147 -18.02 33.37 30.05
C GLU B 147 -18.70 32.00 30.03
N GLY B 148 -18.30 31.13 30.95
CA GLY B 148 -18.91 29.81 30.98
C GLY B 148 -18.24 28.80 30.08
N THR B 149 -17.11 29.18 29.50
CA THR B 149 -16.37 28.28 28.61
C THR B 149 -15.85 27.09 29.39
N GLU B 150 -15.97 25.91 28.80
CA GLU B 150 -15.39 24.73 29.41
C GLU B 150 -14.37 24.31 28.38
N GLU B 151 -13.14 24.09 28.84
CA GLU B 151 -12.05 23.67 27.97
C GLU B 151 -12.36 22.28 27.44
N TRP B 152 -12.01 22.02 26.19
CA TRP B 152 -12.27 20.72 25.59
C TRP B 152 -11.03 19.85 25.51
N MET C 1 3.49 28.08 -2.37
CA MET C 1 3.52 26.65 -2.05
C MET C 1 3.81 25.82 -3.29
N ARG C 2 4.75 24.87 -3.17
CA ARG C 2 5.17 24.02 -4.29
C ARG C 2 5.02 22.51 -4.06
N LEU C 3 4.83 22.11 -2.80
CA LEU C 3 4.65 20.70 -2.44
C LEU C 3 3.27 20.59 -1.80
N PHE C 4 2.54 19.51 -2.10
CA PHE C 4 1.18 19.33 -1.58
C PHE C 4 0.87 17.90 -1.18
N ASP C 5 -0.02 17.75 -0.20
CA ASP C 5 -0.43 16.41 0.24
C ASP C 5 -1.61 15.93 -0.60
N VAL C 6 -1.72 14.61 -0.72
CA VAL C 6 -2.82 13.99 -1.44
C VAL C 6 -3.44 13.15 -0.35
N LYS C 7 -4.72 13.43 -0.07
CA LYS C 7 -5.45 12.75 0.98
C LYS C 7 -6.52 11.80 0.45
N ASN C 8 -6.82 10.76 1.21
CA ASN C 8 -7.86 9.82 0.82
C ASN C 8 -9.20 10.33 1.39
N GLU C 9 -10.29 9.60 1.16
CA GLU C 9 -11.62 10.00 1.61
C GLU C 9 -11.77 10.36 3.09
N ASP C 10 -10.87 9.86 3.92
CA ASP C 10 -10.94 10.13 5.35
C ASP C 10 -10.04 11.24 5.84
N GLY C 11 -9.28 11.85 4.94
CA GLY C 11 -8.39 12.92 5.33
C GLY C 11 -7.00 12.43 5.69
N ASP C 12 -6.68 11.19 5.36
CA ASP C 12 -5.37 10.63 5.64
C ASP C 12 -4.47 10.96 4.43
N VAL C 13 -3.24 11.44 4.68
CA VAL C 13 -2.27 11.74 3.61
C VAL C 13 -1.73 10.39 3.10
N ILE C 14 -1.97 10.14 1.82
CA ILE C 14 -1.57 8.89 1.18
C ILE C 14 -0.50 9.10 0.11
N GLY C 15 -0.16 10.36 -0.16
CA GLY C 15 0.84 10.63 -1.18
C GLY C 15 1.15 12.10 -1.29
N HIS C 16 1.86 12.46 -2.34
CA HIS C 16 2.26 13.82 -2.56
C HIS C 16 2.22 14.25 -4.01
N ALA C 17 1.99 15.55 -4.18
CA ALA C 17 1.94 16.22 -5.47
C ALA C 17 2.88 17.43 -5.40
N LEU C 18 3.27 17.94 -6.55
CA LEU C 18 4.17 19.07 -6.60
C LEU C 18 3.93 19.96 -7.81
N ALA C 19 4.32 21.22 -7.68
CA ALA C 19 4.20 22.19 -8.75
C ALA C 19 5.58 22.28 -9.41
N MET C 20 5.65 21.95 -10.69
CA MET C 20 6.92 22.00 -11.38
C MET C 20 6.70 22.20 -12.86
N GLU C 21 7.52 23.08 -13.43
CA GLU C 21 7.52 23.39 -14.87
C GLU C 21 6.11 23.65 -15.43
N GLY C 22 5.37 24.56 -14.80
CA GLY C 22 4.03 24.93 -15.25
C GLY C 22 2.88 23.96 -14.99
N LYS C 23 3.18 22.88 -14.28
CA LYS C 23 2.17 21.88 -13.98
C LYS C 23 2.19 21.44 -12.54
N VAL C 24 1.10 20.82 -12.13
CA VAL C 24 1.04 20.22 -10.81
C VAL C 24 0.93 18.73 -11.17
N MET C 25 1.74 17.91 -10.54
CA MET C 25 1.72 16.49 -10.84
C MET C 25 1.79 15.60 -9.62
N LYS C 26 1.18 14.41 -9.75
CA LYS C 26 1.14 13.41 -8.70
C LYS C 26 1.24 12.05 -9.36
N PRO C 27 1.60 11.02 -8.58
CA PRO C 27 1.68 9.67 -9.15
C PRO C 27 0.25 9.24 -9.44
N LEU C 28 0.01 8.65 -10.60
CA LEU C 28 -1.34 8.22 -10.94
C LEU C 28 -1.87 7.18 -9.96
N HIS C 29 -1.00 6.32 -9.43
CA HIS C 29 -1.47 5.28 -8.52
C HIS C 29 -2.04 5.73 -7.18
N VAL C 30 -1.79 6.98 -6.82
CA VAL C 30 -2.27 7.51 -5.55
C VAL C 30 -3.69 8.01 -5.81
N LYS C 31 -4.68 7.27 -5.33
CA LYS C 31 -6.09 7.63 -5.54
C LYS C 31 -6.62 8.54 -4.43
N GLY C 32 -6.59 9.84 -4.65
CA GLY C 32 -7.07 10.75 -3.63
C GLY C 32 -7.24 12.13 -4.17
N THR C 33 -7.33 13.10 -3.26
CA THR C 33 -7.52 14.50 -3.62
C THR C 33 -6.34 15.34 -3.16
N ILE C 34 -5.84 16.19 -4.03
CA ILE C 34 -4.75 17.09 -3.66
C ILE C 34 -5.36 18.04 -2.63
N ASP C 35 -4.65 18.24 -1.51
CA ASP C 35 -5.11 19.09 -0.42
C ASP C 35 -4.78 20.54 -0.73
N HIS C 36 -5.60 21.12 -1.59
CA HIS C 36 -5.45 22.51 -2.02
C HIS C 36 -6.76 22.88 -2.69
N PRO C 37 -7.38 24.00 -2.27
CA PRO C 37 -8.65 24.50 -2.80
C PRO C 37 -8.74 24.69 -4.32
N VAL C 38 -7.66 25.16 -4.93
CA VAL C 38 -7.62 25.42 -6.36
C VAL C 38 -7.17 24.21 -7.17
N LEU C 39 -5.98 23.72 -6.83
CA LEU C 39 -5.38 22.60 -7.53
C LEU C 39 -6.24 21.37 -7.62
N SER C 40 -7.02 21.09 -6.58
CA SER C 40 -7.88 19.92 -6.57
C SER C 40 -9.00 20.00 -7.63
N LYS C 41 -9.23 21.19 -8.16
CA LYS C 41 -10.30 21.40 -9.12
C LYS C 41 -9.85 21.59 -10.57
N LEU C 42 -8.58 21.34 -10.85
CA LEU C 42 -8.11 21.50 -12.22
C LEU C 42 -8.45 20.27 -13.05
N LYS C 43 -8.20 20.36 -14.36
CA LYS C 43 -8.47 19.24 -15.28
C LYS C 43 -7.18 18.46 -15.40
N PHE C 44 -7.22 17.21 -14.96
CA PHE C 44 -6.05 16.36 -14.96
C PHE C 44 -6.02 15.34 -16.08
N THR C 45 -4.83 15.15 -16.65
CA THR C 45 -4.56 14.16 -17.70
C THR C 45 -3.76 13.05 -17.01
N LYS C 46 -4.05 11.80 -17.36
CA LYS C 46 -3.38 10.65 -16.77
C LYS C 46 -2.48 9.93 -17.76
N SER C 47 -1.28 9.57 -17.33
CA SER C 47 -0.35 8.81 -18.17
C SER C 47 -0.16 7.49 -17.42
N SER C 48 -0.86 6.46 -17.87
CA SER C 48 -0.78 5.17 -17.22
C SER C 48 0.58 4.55 -17.53
N ALA C 49 1.19 5.02 -18.61
CA ALA C 49 2.49 4.55 -19.04
C ALA C 49 3.62 4.98 -18.10
N TYR C 50 3.56 6.20 -17.58
CA TYR C 50 4.60 6.70 -16.69
C TYR C 50 4.13 6.86 -15.26
N ASP C 51 2.99 6.28 -14.96
CA ASP C 51 2.39 6.33 -13.64
C ASP C 51 2.19 7.76 -13.13
N MET C 52 1.75 8.65 -14.01
CA MET C 52 1.44 9.95 -13.49
C MET C 52 0.32 10.79 -14.02
N GLU C 53 -0.15 11.67 -13.13
CA GLU C 53 -1.31 12.54 -13.37
C GLU C 53 -0.89 14.02 -13.20
N PHE C 54 -1.32 14.84 -14.15
CA PHE C 54 -0.95 16.24 -14.16
C PHE C 54 -2.01 17.16 -14.72
N ALA C 55 -1.97 18.42 -14.27
CA ALA C 55 -2.86 19.47 -14.69
C ALA C 55 -2.00 20.69 -14.84
N GLN C 56 -2.44 21.64 -15.66
CA GLN C 56 -1.68 22.84 -15.86
C GLN C 56 -1.94 23.75 -14.67
N LEU C 57 -0.90 24.40 -14.18
CA LEU C 57 -1.07 25.31 -13.05
C LEU C 57 -1.80 26.56 -13.50
N PRO C 58 -2.48 27.24 -12.55
CA PRO C 58 -3.21 28.47 -12.87
C PRO C 58 -2.15 29.57 -13.02
N VAL C 59 -2.47 30.58 -13.83
CA VAL C 59 -1.59 31.72 -14.08
C VAL C 59 -0.98 32.30 -12.80
N ASN C 60 -1.86 32.58 -11.84
CA ASN C 60 -1.50 33.14 -10.55
C ASN C 60 -0.71 32.19 -9.66
N MET C 61 -0.35 31.04 -10.20
CA MET C 61 0.40 30.06 -9.44
C MET C 61 1.56 29.45 -10.17
N ARG C 62 1.80 29.90 -11.41
CA ARG C 62 2.88 29.32 -12.20
C ARG C 62 4.30 29.60 -11.74
N SER C 63 4.52 30.74 -11.09
CA SER C 63 5.85 31.07 -10.61
C SER C 63 6.16 30.24 -9.35
N GLU C 64 5.11 29.81 -8.66
CA GLU C 64 5.26 28.99 -7.47
C GLU C 64 5.50 27.54 -7.93
N ALA C 65 6.67 27.29 -8.53
CA ALA C 65 6.96 25.97 -9.05
C ALA C 65 8.46 25.64 -9.10
N PHE C 66 8.75 24.35 -8.99
CA PHE C 66 10.11 23.88 -9.03
C PHE C 66 10.59 23.86 -10.45
N THR C 67 11.92 23.92 -10.60
CA THR C 67 12.58 23.83 -11.89
C THR C 67 13.12 22.41 -11.90
N TYR C 68 12.97 21.73 -13.04
CA TYR C 68 13.46 20.37 -13.18
C TYR C 68 14.77 20.44 -13.95
N THR C 69 15.65 19.45 -13.72
CA THR C 69 16.90 19.38 -14.47
C THR C 69 17.27 17.92 -14.79
N SER C 70 17.67 17.69 -16.04
CA SER C 70 18.07 16.36 -16.48
C SER C 70 19.55 16.09 -16.12
N GLU C 71 20.22 17.08 -15.54
CA GLU C 71 21.63 16.92 -15.14
C GLU C 71 21.71 16.18 -13.79
N HIS C 72 22.03 14.90 -13.80
CA HIS C 72 22.16 14.16 -12.54
C HIS C 72 23.48 13.39 -12.44
N PRO C 73 24.59 14.07 -12.12
CA PRO C 73 25.86 13.33 -12.01
C PRO C 73 25.79 12.42 -10.78
N GLU C 74 26.63 11.40 -10.74
CA GLU C 74 26.68 10.49 -9.60
C GLU C 74 27.01 11.26 -8.32
N GLY C 75 26.46 10.83 -7.20
CA GLY C 75 26.73 11.50 -5.95
C GLY C 75 25.57 11.40 -4.99
N PHE C 76 25.39 12.43 -4.18
CA PHE C 76 24.30 12.43 -3.24
C PHE C 76 23.29 13.54 -3.53
N TYR C 77 22.01 13.23 -3.34
CA TYR C 77 20.90 14.16 -3.54
C TYR C 77 20.06 14.24 -2.26
N ASN C 78 19.01 15.04 -2.31
CA ASN C 78 18.13 15.28 -1.17
C ASN C 78 16.67 14.93 -1.38
N TRP C 79 16.02 14.53 -0.30
CA TRP C 79 14.59 14.25 -0.34
C TRP C 79 14.12 14.42 1.10
N HIS C 80 12.81 14.44 1.29
CA HIS C 80 12.25 14.66 2.62
C HIS C 80 12.89 13.89 3.76
N HIS C 81 13.36 12.69 3.51
CA HIS C 81 13.93 11.87 4.56
C HIS C 81 15.45 11.84 4.66
N GLY C 82 16.13 12.69 3.90
CA GLY C 82 17.57 12.69 3.98
C GLY C 82 18.29 12.58 2.65
N ALA C 83 19.36 11.82 2.67
CA ALA C 83 20.19 11.63 1.50
C ALA C 83 19.72 10.50 0.58
N VAL C 84 19.89 10.71 -0.72
CA VAL C 84 19.54 9.73 -1.74
C VAL C 84 20.79 9.63 -2.59
N GLN C 85 21.38 8.45 -2.66
CA GLN C 85 22.55 8.25 -3.48
C GLN C 85 22.15 7.98 -4.93
N TYR C 86 22.91 8.53 -5.86
CA TYR C 86 22.65 8.28 -7.27
C TYR C 86 23.95 7.65 -7.77
N SER C 87 23.86 6.37 -8.08
CA SER C 87 25.03 5.61 -8.51
C SER C 87 24.58 4.46 -9.37
N GLY C 88 25.36 4.17 -10.41
CA GLY C 88 25.03 3.08 -11.30
C GLY C 88 23.66 3.25 -11.94
N GLY C 89 23.22 4.49 -12.13
CA GLY C 89 21.91 4.73 -12.73
C GLY C 89 20.74 4.47 -11.81
N ARG C 90 21.01 4.36 -10.51
CA ARG C 90 19.94 4.13 -9.54
C ARG C 90 20.02 5.06 -8.33
N PHE C 91 18.83 5.48 -7.89
CA PHE C 91 18.68 6.32 -6.74
C PHE C 91 18.37 5.33 -5.62
N THR C 92 19.15 5.38 -4.54
CA THR C 92 18.96 4.50 -3.39
C THR C 92 18.95 5.29 -2.09
N ILE C 93 18.39 4.68 -1.05
CA ILE C 93 18.29 5.29 0.28
C ILE C 93 18.46 4.16 1.29
N PRO C 94 18.69 4.49 2.56
CA PRO C 94 18.84 3.41 3.56
C PRO C 94 17.55 2.60 3.66
N ARG C 95 17.66 1.35 4.07
CA ARG C 95 16.47 0.51 4.24
C ARG C 95 15.72 1.06 5.48
N GLY C 96 14.40 0.93 5.47
CA GLY C 96 13.60 1.39 6.60
C GLY C 96 13.32 2.87 6.64
N VAL C 97 13.61 3.60 5.54
CA VAL C 97 13.39 5.05 5.50
C VAL C 97 12.14 5.46 4.70
N GLY C 98 12.05 4.94 3.48
CA GLY C 98 10.91 5.26 2.64
C GLY C 98 9.81 4.22 2.77
N GLY C 99 8.58 4.62 2.48
CA GLY C 99 7.47 3.69 2.56
C GLY C 99 6.14 4.29 2.12
N ARG C 100 5.07 3.60 2.50
CA ARG C 100 3.69 3.99 2.18
C ARG C 100 3.50 5.48 2.46
N GLY C 101 3.10 6.23 1.43
CA GLY C 101 2.87 7.66 1.58
C GLY C 101 3.91 8.54 0.91
N ASP C 102 5.11 8.00 0.67
CA ASP C 102 6.19 8.78 0.07
C ASP C 102 6.18 8.99 -1.44
N SER C 103 5.25 8.36 -2.14
CA SER C 103 5.22 8.55 -3.57
C SER C 103 4.78 9.99 -3.83
N GLY C 104 5.34 10.61 -4.88
CA GLY C 104 4.98 11.98 -5.18
C GLY C 104 6.01 12.97 -4.68
N ARG C 105 6.83 12.54 -3.73
CA ARG C 105 7.89 13.37 -3.17
C ARG C 105 9.01 13.52 -4.21
N PRO C 106 9.64 14.71 -4.26
CA PRO C 106 10.72 14.89 -5.23
C PRO C 106 12.10 14.62 -4.59
N ILE C 107 13.08 14.45 -5.46
CA ILE C 107 14.48 14.23 -5.10
C ILE C 107 15.06 15.48 -5.76
N MET C 108 15.85 16.23 -5.01
CA MET C 108 16.40 17.48 -5.51
C MET C 108 17.89 17.59 -5.37
N ASP C 109 18.49 18.46 -6.18
CA ASP C 109 19.92 18.70 -6.05
C ASP C 109 20.07 19.85 -5.03
N ASN C 110 21.30 20.27 -4.75
CA ASN C 110 21.50 21.31 -3.74
C ASN C 110 21.00 22.67 -4.20
N SER C 111 20.86 22.84 -5.51
CA SER C 111 20.34 24.08 -6.06
C SER C 111 18.82 24.15 -5.88
N GLY C 112 18.21 23.11 -5.32
CA GLY C 112 16.78 23.10 -5.15
C GLY C 112 16.01 22.64 -6.37
N ARG C 113 16.72 22.22 -7.41
CA ARG C 113 16.08 21.75 -8.64
C ARG C 113 15.74 20.29 -8.47
N VAL C 114 14.59 19.90 -9.01
CA VAL C 114 14.13 18.53 -8.94
C VAL C 114 14.84 17.69 -9.97
N VAL C 115 15.21 16.47 -9.62
CA VAL C 115 15.87 15.58 -10.58
C VAL C 115 15.03 14.33 -10.82
N ALA C 116 14.12 14.02 -9.91
CA ALA C 116 13.26 12.85 -10.06
C ALA C 116 12.09 12.95 -9.09
N ILE C 117 11.07 12.14 -9.33
CA ILE C 117 9.90 12.04 -8.47
C ILE C 117 9.82 10.59 -8.07
N VAL C 118 9.58 10.32 -6.79
CA VAL C 118 9.50 8.95 -6.27
C VAL C 118 8.14 8.28 -6.48
N LEU C 119 8.15 7.04 -6.96
CA LEU C 119 6.92 6.28 -7.18
C LEU C 119 6.80 5.13 -6.21
N GLY C 120 7.95 4.60 -5.77
CA GLY C 120 8.00 3.47 -4.87
C GLY C 120 9.43 3.02 -4.66
N GLY C 121 9.61 1.81 -4.14
CA GLY C 121 10.94 1.29 -3.89
C GLY C 121 11.03 -0.23 -3.84
N ALA C 122 12.22 -0.75 -4.10
CA ALA C 122 12.47 -2.18 -4.11
C ALA C 122 13.39 -2.48 -2.93
N ASP C 123 12.95 -3.33 -2.03
CA ASP C 123 13.71 -3.73 -0.84
C ASP C 123 14.89 -4.61 -1.27
N GLU C 124 16.03 -3.99 -1.52
CA GLU C 124 17.21 -4.72 -1.96
C GLU C 124 18.28 -4.96 -0.90
N GLY C 125 17.88 -5.26 0.32
CA GLY C 125 18.88 -5.48 1.36
C GLY C 125 19.08 -4.26 2.23
N THR C 126 20.33 -3.84 2.42
CA THR C 126 20.63 -2.67 3.25
C THR C 126 20.10 -1.35 2.68
N ARG C 127 20.06 -1.27 1.35
CA ARG C 127 19.57 -0.08 0.66
C ARG C 127 18.36 -0.42 -0.21
N THR C 128 17.43 0.52 -0.28
CA THR C 128 16.20 0.40 -1.07
C THR C 128 16.41 1.15 -2.39
N ALA C 129 16.15 0.48 -3.52
CA ALA C 129 16.31 1.10 -4.83
C ALA C 129 14.95 1.72 -5.22
N LEU C 130 14.97 2.99 -5.55
CA LEU C 130 13.75 3.73 -5.86
C LEU C 130 13.24 3.65 -7.28
N SER C 131 11.93 3.50 -7.40
CA SER C 131 11.27 3.52 -8.71
C SER C 131 10.99 5.00 -8.89
N VAL C 132 11.47 5.59 -9.99
CA VAL C 132 11.30 7.02 -10.20
C VAL C 132 10.92 7.45 -11.59
N VAL C 133 10.46 8.69 -11.66
CA VAL C 133 10.14 9.30 -12.93
C VAL C 133 11.10 10.47 -13.08
N THR C 134 11.81 10.52 -14.20
CA THR C 134 12.75 11.59 -14.54
C THR C 134 12.48 11.96 -16.00
N TRP C 135 13.21 12.94 -16.52
CA TRP C 135 13.07 13.36 -17.91
C TRP C 135 14.47 13.61 -18.47
N ASN C 136 14.68 13.29 -19.75
CA ASN C 136 15.98 13.54 -20.34
C ASN C 136 16.04 14.99 -20.83
N SER C 137 17.18 15.38 -21.40
CA SER C 137 17.32 16.74 -21.88
C SER C 137 16.34 17.09 -22.99
N LYS C 138 15.84 16.07 -23.70
CA LYS C 138 14.87 16.33 -24.77
C LYS C 138 13.44 16.39 -24.23
N GLY C 139 13.30 16.26 -22.90
CA GLY C 139 11.98 16.28 -22.29
C GLY C 139 11.27 14.95 -22.29
N LYS C 140 11.92 13.90 -22.79
CA LYS C 140 11.34 12.56 -22.80
C LYS C 140 11.23 12.00 -21.39
N THR C 141 10.02 11.56 -21.02
CA THR C 141 9.75 11.00 -19.71
C THR C 141 10.31 9.58 -19.61
N ILE C 142 10.89 9.28 -18.45
CA ILE C 142 11.52 7.99 -18.22
C ILE C 142 11.09 7.46 -16.87
N LYS C 143 10.55 6.25 -16.85
CA LYS C 143 10.12 5.61 -15.62
C LYS C 143 11.06 4.42 -15.38
N THR C 144 11.87 4.51 -14.33
CA THR C 144 12.83 3.49 -13.96
C THR C 144 12.23 2.68 -12.82
N THR C 145 12.00 1.41 -13.03
CA THR C 145 11.40 0.60 -12.00
C THR C 145 12.20 -0.67 -11.70
N PRO C 146 12.94 -0.68 -10.56
CA PRO C 146 13.73 -1.86 -10.20
C PRO C 146 12.80 -3.06 -10.03
N GLU C 147 13.26 -4.27 -10.36
CA GLU C 147 12.41 -5.45 -10.15
C GLU C 147 12.09 -5.56 -8.68
N GLY C 148 10.86 -5.94 -8.37
CA GLY C 148 10.47 -6.06 -6.97
C GLY C 148 10.02 -4.76 -6.34
N THR C 149 9.84 -3.72 -7.16
CA THR C 149 9.38 -2.42 -6.65
C THR C 149 7.96 -2.54 -6.11
N GLU C 150 7.72 -1.91 -4.97
CA GLU C 150 6.37 -1.87 -4.45
C GLU C 150 6.05 -0.39 -4.47
N GLU C 151 4.92 -0.05 -5.06
CA GLU C 151 4.49 1.34 -5.14
C GLU C 151 4.20 1.85 -3.75
N TRP C 152 4.53 3.10 -3.50
CA TRP C 152 4.30 3.68 -2.17
C TRP C 152 3.10 4.60 -2.13
N MET D 1 -14.41 -18.19 -25.43
CA MET D 1 -14.66 -18.33 -23.99
C MET D 1 -14.76 -16.95 -23.39
N ARG D 2 -15.75 -16.74 -22.52
CA ARG D 2 -15.93 -15.44 -21.90
C ARG D 2 -16.10 -15.53 -20.39
N LEU D 3 -16.11 -16.76 -19.87
CA LEU D 3 -16.21 -17.00 -18.43
C LEU D 3 -15.02 -17.90 -18.11
N PHE D 4 -14.29 -17.57 -17.04
CA PHE D 4 -13.09 -18.31 -16.66
C PHE D 4 -13.11 -18.59 -15.15
N ASP D 5 -12.63 -19.76 -14.75
CA ASP D 5 -12.56 -20.12 -13.33
C ASP D 5 -11.43 -19.35 -12.65
N VAL D 6 -11.59 -19.09 -11.35
CA VAL D 6 -10.52 -18.47 -10.55
C VAL D 6 -10.27 -19.61 -9.56
N LYS D 7 -9.02 -20.04 -9.43
CA LYS D 7 -8.69 -21.16 -8.56
C LYS D 7 -7.65 -20.89 -7.48
N ASN D 8 -7.69 -21.70 -6.43
CA ASN D 8 -6.71 -21.59 -5.39
C ASN D 8 -5.58 -22.58 -5.74
N GLU D 9 -4.67 -22.83 -4.81
CA GLU D 9 -3.54 -23.73 -5.07
C GLU D 9 -3.89 -25.18 -5.34
N ASP D 10 -4.96 -25.67 -4.74
CA ASP D 10 -5.35 -27.06 -4.95
C ASP D 10 -6.27 -27.24 -6.14
N GLY D 11 -6.34 -26.23 -7.00
CA GLY D 11 -7.16 -26.29 -8.20
C GLY D 11 -8.65 -26.21 -7.96
N ASP D 12 -9.03 -25.77 -6.76
CA ASP D 12 -10.45 -25.63 -6.43
C ASP D 12 -10.93 -24.29 -6.97
N VAL D 13 -12.07 -24.32 -7.65
CA VAL D 13 -12.70 -23.12 -8.19
C VAL D 13 -13.24 -22.31 -7.02
N ILE D 14 -12.79 -21.07 -6.87
CA ILE D 14 -13.24 -20.24 -5.77
C ILE D 14 -14.01 -19.01 -6.23
N GLY D 15 -14.13 -18.87 -7.55
CA GLY D 15 -14.86 -17.73 -8.07
C GLY D 15 -14.74 -17.75 -9.57
N HIS D 16 -15.14 -16.66 -10.23
CA HIS D 16 -15.09 -16.58 -11.68
C HIS D 16 -14.69 -15.21 -12.16
N ALA D 17 -14.12 -15.16 -13.35
CA ALA D 17 -13.73 -13.92 -13.98
C ALA D 17 -14.52 -13.92 -15.30
N LEU D 18 -14.87 -12.75 -15.82
CA LEU D 18 -15.59 -12.72 -17.08
C LEU D 18 -15.07 -11.66 -18.04
N ALA D 19 -15.20 -11.95 -19.33
CA ALA D 19 -14.79 -11.05 -20.39
C ALA D 19 -16.02 -10.22 -20.76
N MET D 20 -15.97 -8.91 -20.57
CA MET D 20 -17.13 -8.08 -20.88
C MET D 20 -16.73 -6.66 -21.22
N GLU D 21 -17.22 -6.18 -22.35
CA GLU D 21 -16.96 -4.81 -22.82
C GLU D 21 -15.47 -4.43 -22.80
N GLY D 22 -14.64 -5.24 -23.47
CA GLY D 22 -13.21 -4.98 -23.57
C GLY D 22 -12.40 -5.11 -22.30
N LYS D 23 -12.95 -5.75 -21.28
CA LYS D 23 -12.26 -5.92 -20.02
C LYS D 23 -12.49 -7.31 -19.44
N VAL D 24 -11.55 -7.75 -18.62
CA VAL D 24 -11.71 -8.99 -17.89
C VAL D 24 -12.05 -8.45 -16.48
N MET D 25 -13.03 -9.04 -15.82
CA MET D 25 -13.44 -8.55 -14.51
C MET D 25 -13.70 -9.70 -13.55
N LYS D 26 -13.35 -9.47 -12.28
CA LYS D 26 -13.55 -10.44 -11.23
C LYS D 26 -13.72 -9.79 -9.87
N PRO D 27 -14.48 -10.44 -8.96
CA PRO D 27 -14.69 -9.88 -7.61
C PRO D 27 -13.31 -9.72 -6.94
N LEU D 28 -13.09 -8.56 -6.35
CA LEU D 28 -11.81 -8.30 -5.69
C LEU D 28 -11.57 -9.26 -4.53
N HIS D 29 -12.62 -9.61 -3.80
CA HIS D 29 -12.53 -10.49 -2.65
C HIS D 29 -12.05 -11.91 -2.95
N VAL D 30 -12.14 -12.32 -4.21
CA VAL D 30 -11.72 -13.66 -4.62
C VAL D 30 -10.21 -13.65 -4.90
N LYS D 31 -9.42 -14.12 -3.95
CA LYS D 31 -7.95 -14.13 -4.05
C LYS D 31 -7.50 -15.46 -4.60
N GLY D 32 -7.32 -15.51 -5.91
CA GLY D 32 -6.91 -16.74 -6.54
C GLY D 32 -6.38 -16.37 -7.90
N THR D 33 -6.05 -17.38 -8.70
CA THR D 33 -5.50 -17.18 -10.03
C THR D 33 -6.53 -17.54 -11.11
N ILE D 34 -6.71 -16.65 -12.07
CA ILE D 34 -7.62 -16.91 -13.18
C ILE D 34 -6.98 -18.06 -13.99
N ASP D 35 -7.77 -19.08 -14.28
CA ASP D 35 -7.30 -20.24 -15.03
C ASP D 35 -7.15 -19.96 -16.52
N HIS D 36 -6.26 -19.04 -16.87
CA HIS D 36 -6.00 -18.67 -18.27
C HIS D 36 -4.59 -18.09 -18.26
N PRO D 37 -3.72 -18.56 -19.18
CA PRO D 37 -2.34 -18.08 -19.27
C PRO D 37 -2.16 -16.59 -19.54
N VAL D 38 -3.08 -15.97 -20.27
CA VAL D 38 -2.91 -14.55 -20.51
C VAL D 38 -3.57 -13.71 -19.44
N LEU D 39 -4.84 -14.01 -19.16
CA LEU D 39 -5.60 -13.25 -18.17
C LEU D 39 -4.94 -13.19 -16.78
N SER D 40 -4.34 -14.30 -16.35
CA SER D 40 -3.66 -14.35 -15.05
C SER D 40 -2.40 -13.48 -15.00
N LYS D 41 -1.92 -13.03 -16.15
CA LYS D 41 -0.70 -12.23 -16.21
C LYS D 41 -0.89 -10.73 -16.44
N LEU D 42 -2.14 -10.31 -16.68
CA LEU D 42 -2.47 -8.91 -16.93
C LEU D 42 -2.42 -8.06 -15.65
N LYS D 43 -2.31 -6.74 -15.81
CA LYS D 43 -2.30 -5.82 -14.69
C LYS D 43 -3.74 -5.39 -14.39
N PHE D 44 -4.21 -5.66 -13.18
CA PHE D 44 -5.59 -5.33 -12.77
C PHE D 44 -5.66 -4.07 -11.96
N THR D 45 -6.70 -3.30 -12.20
CA THR D 45 -6.96 -2.09 -11.45
C THR D 45 -8.04 -2.51 -10.47
N LYS D 46 -7.81 -2.24 -9.18
CA LYS D 46 -8.74 -2.59 -8.13
C LYS D 46 -9.73 -1.48 -7.84
N SER D 47 -10.91 -1.85 -7.38
CA SER D 47 -11.94 -0.89 -7.01
C SER D 47 -12.66 -1.51 -5.84
N SER D 48 -12.06 -1.40 -4.66
CA SER D 48 -12.63 -1.98 -3.45
C SER D 48 -14.03 -1.45 -3.08
N ALA D 49 -14.37 -0.24 -3.55
CA ALA D 49 -15.68 0.33 -3.27
C ALA D 49 -16.79 -0.52 -3.90
N TYR D 50 -16.47 -1.24 -4.98
CA TYR D 50 -17.48 -2.07 -5.65
C TYR D 50 -17.08 -3.54 -5.66
N ASP D 51 -16.11 -3.87 -4.82
CA ASP D 51 -15.55 -5.21 -4.68
C ASP D 51 -15.13 -5.81 -6.00
N MET D 52 -14.49 -5.01 -6.84
CA MET D 52 -14.01 -5.54 -8.08
C MET D 52 -12.76 -4.98 -8.67
N GLU D 53 -12.15 -5.80 -9.52
CA GLU D 53 -10.92 -5.44 -10.20
C GLU D 53 -11.07 -5.83 -11.67
N PHE D 54 -10.36 -5.11 -12.54
CA PHE D 54 -10.43 -5.36 -13.96
C PHE D 54 -9.10 -5.09 -14.65
N ALA D 55 -8.98 -5.58 -15.89
CA ALA D 55 -7.80 -5.38 -16.74
C ALA D 55 -8.34 -5.28 -18.16
N GLN D 56 -7.57 -4.73 -19.09
CA GLN D 56 -8.06 -4.63 -20.46
C GLN D 56 -7.86 -5.96 -21.17
N LEU D 57 -8.90 -6.42 -21.86
CA LEU D 57 -8.84 -7.68 -22.61
C LEU D 57 -7.93 -7.51 -23.80
N PRO D 58 -7.25 -8.60 -24.19
CA PRO D 58 -6.37 -8.54 -25.35
C PRO D 58 -7.31 -8.39 -26.57
N VAL D 59 -6.92 -7.56 -27.53
CA VAL D 59 -7.71 -7.29 -28.73
C VAL D 59 -8.55 -8.43 -29.31
N ASN D 60 -7.91 -9.57 -29.54
CA ASN D 60 -8.59 -10.70 -30.16
C ASN D 60 -9.71 -11.27 -29.32
N MET D 61 -9.55 -11.19 -28.01
CA MET D 61 -10.58 -11.71 -27.13
C MET D 61 -11.80 -10.80 -27.08
N ARG D 62 -11.66 -9.55 -27.52
CA ARG D 62 -12.80 -8.60 -27.48
C ARG D 62 -14.04 -9.08 -28.21
N SER D 63 -13.85 -9.87 -29.25
CA SER D 63 -14.94 -10.43 -30.05
C SER D 63 -15.66 -11.52 -29.22
N GLU D 64 -14.91 -12.19 -28.36
CA GLU D 64 -15.43 -13.23 -27.48
C GLU D 64 -15.68 -12.57 -26.11
N ALA D 65 -16.62 -11.63 -26.06
CA ALA D 65 -16.93 -10.95 -24.83
C ALA D 65 -18.41 -10.58 -24.67
N PHE D 66 -18.86 -10.64 -23.44
CA PHE D 66 -20.24 -10.33 -23.08
C PHE D 66 -20.52 -8.86 -23.30
N THR D 67 -21.79 -8.55 -23.51
CA THR D 67 -22.23 -7.17 -23.68
C THR D 67 -23.01 -6.85 -22.40
N TYR D 68 -22.86 -5.64 -21.89
CA TYR D 68 -23.59 -5.26 -20.68
C TYR D 68 -24.78 -4.34 -21.00
N THR D 69 -25.80 -4.35 -20.14
CA THR D 69 -26.94 -3.47 -20.28
C THR D 69 -27.46 -3.03 -18.92
N SER D 70 -27.81 -1.77 -18.83
CA SER D 70 -28.38 -1.19 -17.62
C SER D 70 -29.88 -1.44 -17.57
N GLU D 71 -30.43 -1.98 -18.66
CA GLU D 71 -31.87 -2.28 -18.73
C GLU D 71 -32.20 -3.55 -17.94
N HIS D 72 -32.70 -3.39 -16.74
CA HIS D 72 -33.06 -4.57 -15.95
C HIS D 72 -34.43 -4.40 -15.32
N PRO D 73 -35.47 -4.46 -16.17
CA PRO D 73 -36.85 -4.32 -15.69
C PRO D 73 -37.21 -5.51 -14.81
N GLU D 74 -38.20 -5.32 -13.95
CA GLU D 74 -38.62 -6.39 -13.07
C GLU D 74 -39.05 -7.61 -13.84
N GLY D 75 -38.67 -8.78 -13.33
CA GLY D 75 -39.02 -10.03 -13.98
C GLY D 75 -38.02 -11.12 -13.65
N PHE D 76 -37.84 -12.06 -14.57
CA PHE D 76 -36.90 -13.16 -14.34
C PHE D 76 -35.73 -13.11 -15.32
N TYR D 77 -34.56 -13.49 -14.81
CA TYR D 77 -33.29 -13.50 -15.54
C TYR D 77 -32.66 -14.86 -15.48
N ASN D 78 -31.52 -14.99 -16.14
CA ASN D 78 -30.78 -16.26 -16.23
C ASN D 78 -29.43 -16.22 -15.58
N TRP D 79 -29.00 -17.36 -15.06
CA TRP D 79 -27.65 -17.50 -14.54
C TRP D 79 -27.38 -18.99 -14.48
N HIS D 80 -26.12 -19.36 -14.26
CA HIS D 80 -25.73 -20.77 -14.20
C HIS D 80 -26.67 -21.73 -13.50
N HIS D 81 -27.20 -21.35 -12.35
CA HIS D 81 -28.05 -22.28 -11.60
C HIS D 81 -29.56 -22.28 -11.89
N GLY D 82 -30.00 -21.44 -12.83
CA GLY D 82 -31.42 -21.36 -13.20
C GLY D 82 -31.91 -19.94 -13.30
N ALA D 83 -33.10 -19.72 -12.74
CA ALA D 83 -33.70 -18.40 -12.79
C ALA D 83 -33.28 -17.48 -11.65
N VAL D 84 -33.22 -16.19 -11.96
CA VAL D 84 -32.91 -15.17 -10.99
C VAL D 84 -34.06 -14.16 -11.10
N GLN D 85 -34.73 -13.90 -10.00
CA GLN D 85 -35.81 -12.94 -9.99
C GLN D 85 -35.32 -11.54 -9.68
N TYR D 86 -35.82 -10.55 -10.41
CA TYR D 86 -35.50 -9.16 -10.13
C TYR D 86 -36.85 -8.51 -9.77
N SER D 87 -36.97 -8.15 -8.51
CA SER D 87 -38.19 -7.56 -8.01
C SER D 87 -37.93 -6.64 -6.81
N GLY D 88 -38.51 -5.44 -6.87
CA GLY D 88 -38.36 -4.47 -5.79
C GLY D 88 -36.92 -4.13 -5.46
N GLY D 89 -36.11 -3.90 -6.49
CA GLY D 89 -34.71 -3.57 -6.30
C GLY D 89 -33.83 -4.71 -5.81
N ARG D 90 -34.35 -5.94 -5.83
CA ARG D 90 -33.59 -7.10 -5.35
C ARG D 90 -33.53 -8.27 -6.30
N PHE D 91 -32.32 -8.83 -6.50
CA PHE D 91 -32.15 -10.03 -7.30
C PHE D 91 -32.19 -11.16 -6.27
N THR D 92 -33.05 -12.15 -6.49
CA THR D 92 -33.20 -13.29 -5.57
C THR D 92 -33.21 -14.62 -6.33
N ILE D 93 -32.78 -15.68 -5.66
CA ILE D 93 -32.75 -17.03 -6.21
C ILE D 93 -33.33 -17.90 -5.12
N PRO D 94 -33.65 -19.17 -5.42
CA PRO D 94 -34.19 -20.05 -4.38
C PRO D 94 -33.13 -20.37 -3.32
N ARG D 95 -33.59 -20.64 -2.10
CA ARG D 95 -32.70 -21.00 -1.01
C ARG D 95 -32.00 -22.30 -1.36
N GLY D 96 -30.76 -22.44 -0.92
CA GLY D 96 -29.98 -23.65 -1.16
C GLY D 96 -29.34 -23.83 -2.52
N VAL D 97 -29.39 -22.79 -3.36
CA VAL D 97 -28.82 -22.83 -4.71
C VAL D 97 -27.42 -22.19 -4.81
N GLY D 98 -27.29 -20.94 -4.42
CA GLY D 98 -25.99 -20.29 -4.53
C GLY D 98 -25.07 -20.61 -3.37
N GLY D 99 -23.77 -20.37 -3.56
CA GLY D 99 -22.80 -20.63 -2.51
C GLY D 99 -21.40 -20.22 -2.93
N ARG D 100 -20.45 -20.45 -2.03
CA ARG D 100 -19.04 -20.11 -2.26
C ARG D 100 -18.52 -20.69 -3.55
N GLY D 101 -18.08 -19.80 -4.42
CA GLY D 101 -17.57 -20.21 -5.72
C GLY D 101 -18.36 -19.53 -6.81
N ASP D 102 -19.60 -19.15 -6.51
CA ASP D 102 -20.47 -18.47 -7.47
C ASP D 102 -20.20 -16.99 -7.68
N SER D 103 -19.28 -16.39 -6.92
CA SER D 103 -18.99 -14.98 -7.16
C SER D 103 -18.31 -14.90 -8.53
N GLY D 104 -18.57 -13.81 -9.25
CA GLY D 104 -18.01 -13.61 -10.56
C GLY D 104 -18.93 -14.07 -11.69
N ARG D 105 -19.96 -14.83 -11.34
CA ARG D 105 -20.93 -15.32 -12.30
C ARG D 105 -21.89 -14.21 -12.74
N PRO D 106 -22.21 -14.15 -14.06
CA PRO D 106 -23.11 -13.10 -14.51
C PRO D 106 -24.57 -13.51 -14.44
N ILE D 107 -25.43 -12.52 -14.43
CA ILE D 107 -26.88 -12.74 -14.48
C ILE D 107 -27.12 -12.13 -15.86
N MET D 108 -27.89 -12.84 -16.69
CA MET D 108 -28.13 -12.46 -18.08
C MET D 108 -29.60 -12.38 -18.46
N ASP D 109 -29.93 -11.45 -19.35
CA ASP D 109 -31.28 -11.32 -19.86
C ASP D 109 -31.42 -12.39 -20.96
N ASN D 110 -32.56 -12.47 -21.64
CA ASN D 110 -32.74 -13.52 -22.65
C ASN D 110 -31.92 -13.30 -23.92
N SER D 111 -31.41 -12.09 -24.12
CA SER D 111 -30.56 -11.81 -25.26
C SER D 111 -29.10 -12.19 -24.98
N GLY D 112 -28.82 -12.69 -23.77
CA GLY D 112 -27.46 -13.07 -23.42
C GLY D 112 -26.63 -11.93 -22.85
N ARG D 113 -27.22 -10.76 -22.72
CA ARG D 113 -26.54 -9.59 -22.19
C ARG D 113 -26.51 -9.65 -20.67
N VAL D 114 -25.38 -9.23 -20.12
CA VAL D 114 -25.17 -9.24 -18.68
C VAL D 114 -25.83 -8.05 -18.03
N VAL D 115 -26.65 -8.30 -17.00
CA VAL D 115 -27.29 -7.18 -16.29
C VAL D 115 -26.67 -6.99 -14.89
N ALA D 116 -25.96 -8.01 -14.40
CA ALA D 116 -25.32 -7.92 -13.09
C ALA D 116 -24.31 -9.04 -12.89
N ILE D 117 -23.38 -8.80 -11.97
CA ILE D 117 -22.35 -9.77 -11.60
C ILE D 117 -22.56 -10.06 -10.12
N VAL D 118 -22.58 -11.35 -9.79
CA VAL D 118 -22.82 -11.83 -8.45
C VAL D 118 -21.56 -11.76 -7.57
N LEU D 119 -21.74 -11.25 -6.34
CA LEU D 119 -20.63 -11.14 -5.38
C LEU D 119 -20.85 -12.05 -4.19
N GLY D 120 -22.11 -12.25 -3.84
CA GLY D 120 -22.44 -13.12 -2.73
C GLY D 120 -23.94 -13.03 -2.51
N GLY D 121 -24.39 -13.45 -1.33
CA GLY D 121 -25.81 -13.43 -1.06
C GLY D 121 -26.13 -13.63 0.40
N ALA D 122 -27.41 -13.44 0.71
CA ALA D 122 -27.89 -13.56 2.06
C ALA D 122 -29.32 -14.09 2.00
N ASP D 123 -29.63 -14.99 2.91
CA ASP D 123 -30.96 -15.55 2.96
C ASP D 123 -31.87 -14.49 3.51
N GLU D 124 -32.97 -14.25 2.80
CA GLU D 124 -33.96 -13.26 3.18
C GLU D 124 -35.33 -13.86 2.85
N GLY D 125 -36.20 -13.93 3.86
CA GLY D 125 -37.51 -14.53 3.66
C GLY D 125 -37.26 -15.99 3.42
N THR D 126 -37.93 -16.56 2.41
CA THR D 126 -37.73 -17.96 2.08
C THR D 126 -36.73 -18.15 0.92
N ARG D 127 -36.20 -17.05 0.40
CA ARG D 127 -35.25 -17.09 -0.71
C ARG D 127 -33.90 -16.54 -0.27
N THR D 128 -33.02 -16.34 -1.26
CA THR D 128 -31.69 -15.78 -1.03
C THR D 128 -31.54 -14.52 -1.87
N ALA D 129 -31.26 -13.39 -1.23
CA ALA D 129 -31.04 -12.13 -1.93
C ALA D 129 -29.54 -12.05 -2.29
N LEU D 130 -29.25 -11.57 -3.50
CA LEU D 130 -27.88 -11.49 -4.00
C LEU D 130 -27.22 -10.13 -3.92
N SER D 131 -25.94 -10.14 -3.52
CA SER D 131 -25.16 -8.92 -3.50
C SER D 131 -24.63 -8.88 -4.94
N VAL D 132 -24.77 -7.76 -5.62
CA VAL D 132 -24.36 -7.68 -7.01
C VAL D 132 -23.76 -6.34 -7.39
N VAL D 133 -23.10 -6.34 -8.55
CA VAL D 133 -22.55 -5.13 -9.12
C VAL D 133 -23.34 -4.90 -10.40
N THR D 134 -23.73 -3.65 -10.64
CA THR D 134 -24.48 -3.24 -11.83
C THR D 134 -23.93 -1.88 -12.21
N TRP D 135 -24.41 -1.37 -13.34
CA TRP D 135 -24.05 -0.05 -13.84
C TRP D 135 -25.38 0.52 -14.28
N ASN D 136 -25.69 1.76 -13.90
CA ASN D 136 -26.97 2.38 -14.28
C ASN D 136 -26.90 3.00 -15.68
N SER D 137 -27.98 3.65 -16.11
CA SER D 137 -28.00 4.26 -17.43
C SER D 137 -26.93 5.35 -17.64
N LYS D 138 -26.38 5.85 -16.54
CA LYS D 138 -25.36 6.88 -16.58
C LYS D 138 -23.96 6.26 -16.56
N GLY D 139 -23.87 4.94 -16.60
CA GLY D 139 -22.58 4.27 -16.58
C GLY D 139 -21.92 4.25 -15.21
N LYS D 140 -22.71 4.56 -14.19
CA LYS D 140 -22.25 4.60 -12.82
C LYS D 140 -22.32 3.20 -12.23
N THR D 141 -21.23 2.78 -11.60
CA THR D 141 -21.13 1.47 -10.96
C THR D 141 -21.92 1.49 -9.64
N ILE D 142 -22.67 0.44 -9.39
CA ILE D 142 -23.43 0.33 -8.16
C ILE D 142 -23.25 -1.07 -7.56
N LYS D 143 -22.88 -1.11 -6.29
CA LYS D 143 -22.76 -2.40 -5.60
C LYS D 143 -24.00 -2.40 -4.71
N THR D 144 -24.82 -3.44 -4.82
CA THR D 144 -26.02 -3.53 -4.02
C THR D 144 -25.83 -4.75 -3.15
N THR D 145 -25.93 -4.56 -1.84
CA THR D 145 -25.65 -5.62 -0.89
C THR D 145 -26.65 -5.83 0.23
N PRO D 146 -27.28 -7.01 0.26
CA PRO D 146 -28.27 -7.30 1.32
C PRO D 146 -27.50 -7.40 2.65
N GLU D 147 -28.17 -7.11 3.76
CA GLU D 147 -27.53 -7.18 5.07
C GLU D 147 -27.12 -8.62 5.41
N GLY D 148 -25.94 -8.76 6.02
CA GLY D 148 -25.44 -10.08 6.37
C GLY D 148 -25.12 -10.93 5.13
N THR D 149 -24.59 -10.26 4.11
CA THR D 149 -24.23 -10.96 2.88
C THR D 149 -22.99 -11.79 3.13
N GLU D 150 -23.00 -13.02 2.62
CA GLU D 150 -21.83 -13.86 2.72
C GLU D 150 -21.12 -13.76 1.36
N GLU D 151 -19.81 -13.52 1.39
CA GLU D 151 -19.05 -13.43 0.17
C GLU D 151 -18.94 -14.82 -0.43
N TRP D 152 -19.22 -14.91 -1.73
CA TRP D 152 -19.14 -16.20 -2.43
C TRP D 152 -17.89 -16.33 -3.27
C FOR E . 20.98 -10.13 6.35
O FOR E . 21.63 -11.08 6.83
C1 DIO F . 27.79 -22.70 -7.63
C2 DIO F . 28.12 -22.99 -5.31
C1' DIO F . 27.35 -21.27 -7.38
C2' DIO F . 27.67 -21.56 -5.07
O1 DIO F . 28.71 -23.12 -6.60
O1' DIO F . 26.76 -21.13 -6.09
C FOR G . 2.35 14.89 5.64
O FOR G . 1.92 13.74 5.85
C1 DIO H . 2.41 33.96 13.85
C2 DIO H . 0.08 33.74 13.68
C1' DIO H . 2.55 32.48 14.15
C2' DIO H . 0.20 32.26 13.99
O1 DIO H . 1.25 34.23 13.02
O1' DIO H . 1.35 31.97 14.79
C1 DIO I . 2.19 32.85 19.40
C2 DIO I . 1.11 31.05 20.46
C1' DIO I . 2.19 33.60 20.71
C2' DIO I . 1.12 31.78 21.79
O1 DIO I . 2.22 31.44 19.63
O1' DIO I . 1.10 33.19 21.58
C FOR J . 3.04 29.05 -1.56
O FOR J . 2.58 28.85 -0.40
C1 DIO K . 8.20 19.59 -18.45
C2 DIO K . 8.93 18.18 -16.69
C1' DIO K . 6.76 19.43 -17.99
C2' DIO K . 7.49 18.04 -16.23
O1 DIO K . 9.13 19.45 -17.35
O1' DIO K . 6.57 18.16 -17.34
C FOR L . -15.36 -17.90 -26.32
O FOR L . -16.56 -17.73 -26.01
C1 DIO M . -19.58 -0.42 -17.51
C2 DIO M . -19.44 -2.72 -18.04
C1' DIO M . -18.06 -0.33 -17.56
C2' DIO M . -17.94 -2.60 -18.12
O1 DIO M . -20.07 -1.47 -18.37
O1' DIO M . -17.44 -1.58 -17.22
#